data_5I2U
#
_entry.id   5I2U
#
_cell.length_a   45.766
_cell.length_b   88.128
_cell.length_c   146.470
_cell.angle_alpha   90.00
_cell.angle_beta   90.00
_cell.angle_gamma   90.00
#
_symmetry.space_group_name_H-M   'P 21 21 21'
#
loop_
_entity.id
_entity.type
_entity.pdbx_description
1 polymer Cellulase
2 non-polymer GLYCEROL
3 non-polymer 'MAGNESIUM ION'
4 non-polymer 'PHOSPHATE ION'
5 water water
#
_entity_poly.entity_id   1
_entity_poly.type   'polypeptide(L)'
_entity_poly.pdbx_seq_one_letter_code
;MGSSHHHHHHSSGLVPRGSHMENNRKTDYRSIVAQNGRLQVIGTQLSNEKGEPVVLRGASLGWHNLWPRFYNKNAVQWLA
DDWKCTVVRAAMGLEIEDNYRENPEFALQCITPVIESAIENGIYVIIDFHAHNKYTEEAKTFFAGMAEKYGEYPNVIYEI
WNEPDYFEWEEVKTYSEEVIAVIRAIDPDNIILVGSPHWDQDLHLVAEDPIRDVSNIMYTMHFYAATHEAWLRDRTDEAI
AKGIPVFVSECGGSEANGDGRLGIEEWKTYVDWMESRKISWVAWSVSDKNETCSMLLPRASADGNWTEDLLKPWGKLTRN
SIRNANDENPDI
;
_entity_poly.pdbx_strand_id   A,B
#
loop_
_chem_comp.id
_chem_comp.type
_chem_comp.name
_chem_comp.formula
GOL non-polymer GLYCEROL 'C3 H8 O3'
MG non-polymer 'MAGNESIUM ION' 'Mg 2'
PO4 non-polymer 'PHOSPHATE ION' 'O4 P -3'
#
# COMPACT_ATOMS: atom_id res chain seq x y z
N SER A 31 -34.08 -5.31 -3.26
CA SER A 31 -32.76 -5.03 -3.86
C SER A 31 -32.88 -4.48 -5.28
N ILE A 32 -31.83 -3.81 -5.73
CA ILE A 32 -31.79 -3.15 -7.06
C ILE A 32 -31.96 -4.16 -8.21
N VAL A 33 -31.39 -5.36 -8.06
CA VAL A 33 -31.47 -6.41 -9.07
C VAL A 33 -32.87 -7.01 -9.10
N ALA A 34 -33.48 -7.20 -7.92
CA ALA A 34 -34.91 -7.56 -7.82
C ALA A 34 -35.81 -6.52 -8.53
N GLN A 35 -35.64 -5.25 -8.16
CA GLN A 35 -36.37 -4.14 -8.79
C GLN A 35 -36.17 -3.98 -10.29
N ASN A 36 -34.95 -4.20 -10.80
CA ASN A 36 -34.64 -3.90 -12.21
C ASN A 36 -34.37 -5.10 -13.13
N GLY A 37 -33.97 -6.25 -12.57
CA GLY A 37 -33.69 -7.45 -13.37
C GLY A 37 -32.57 -7.27 -14.40
N ARG A 38 -32.79 -7.84 -15.58
CA ARG A 38 -31.82 -7.75 -16.70
C ARG A 38 -31.74 -6.34 -17.30
N LEU A 39 -30.52 -5.79 -17.34
CA LEU A 39 -30.31 -4.45 -17.86
C LEU A 39 -30.22 -4.47 -19.38
N GLN A 40 -30.48 -3.33 -20.01
CA GLN A 40 -30.36 -3.19 -21.47
C GLN A 40 -30.07 -1.75 -21.82
N VAL A 41 -29.50 -1.53 -22.99
CA VAL A 41 -29.11 -0.18 -23.44
C VAL A 41 -30.07 0.24 -24.56
N ILE A 42 -30.79 1.33 -24.33
CA ILE A 42 -31.74 1.86 -25.30
C ILE A 42 -31.23 3.22 -25.73
N GLY A 43 -30.93 3.36 -27.02
CA GLY A 43 -30.18 4.51 -27.51
C GLY A 43 -28.89 4.56 -26.73
N THR A 44 -28.75 5.58 -25.88
CA THR A 44 -27.57 5.73 -25.03
C THR A 44 -27.82 5.33 -23.56
N GLN A 45 -29.08 5.09 -23.19
CA GLN A 45 -29.46 5.06 -21.80
C GLN A 45 -29.47 3.64 -21.27
N LEU A 46 -28.65 3.38 -20.26
CA LEU A 46 -28.70 2.12 -19.51
C LEU A 46 -30.07 2.04 -18.87
N SER A 47 -30.76 0.91 -19.06
CA SER A 47 -32.18 0.78 -18.65
C SER A 47 -32.47 -0.58 -18.02
N ASN A 48 -33.61 -0.70 -17.33
CA ASN A 48 -34.06 -2.00 -16.74
C ASN A 48 -34.89 -2.85 -17.69
N GLU A 49 -35.30 -4.03 -17.23
CA GLU A 49 -36.20 -4.93 -18.00
C GLU A 49 -37.39 -4.19 -18.62
N LYS A 50 -38.02 -3.32 -17.85
CA LYS A 50 -39.20 -2.56 -18.30
C LYS A 50 -38.83 -1.30 -19.09
N GLY A 51 -37.54 -1.06 -19.34
CA GLY A 51 -37.09 0.05 -20.19
C GLY A 51 -36.94 1.39 -19.51
N GLU A 52 -37.12 1.43 -18.19
CA GLU A 52 -36.99 2.65 -17.40
C GLU A 52 -35.50 2.88 -17.24
N PRO A 53 -35.03 4.15 -17.24
CA PRO A 53 -33.60 4.40 -17.02
C PRO A 53 -33.13 3.86 -15.67
N VAL A 54 -31.91 3.32 -15.65
CA VAL A 54 -31.26 2.92 -14.42
C VAL A 54 -29.96 3.71 -14.35
N VAL A 55 -29.67 4.19 -13.15
CA VAL A 55 -28.40 4.81 -12.83
C VAL A 55 -27.81 3.98 -11.67
N LEU A 56 -26.69 3.31 -11.95
CA LEU A 56 -25.98 2.59 -10.91
C LEU A 56 -24.91 3.49 -10.29
N ARG A 57 -24.82 3.45 -8.97
CA ARG A 57 -23.80 4.16 -8.21
C ARG A 57 -23.15 3.21 -7.23
N GLY A 58 -21.83 3.12 -7.25
CA GLY A 58 -21.12 2.25 -6.32
C GLY A 58 -19.61 2.48 -6.27
N ALA A 59 -18.89 1.42 -5.90
CA ALA A 59 -17.47 1.50 -5.62
C ALA A 59 -16.72 0.29 -6.20
N SER A 60 -15.49 0.54 -6.67
CA SER A 60 -14.60 -0.50 -7.18
C SER A 60 -13.60 -0.91 -6.12
N LEU A 61 -13.43 -2.23 -5.97
CA LEU A 61 -12.28 -2.76 -5.23
C LEU A 61 -11.08 -2.40 -6.09
N GLY A 62 -9.92 -2.28 -5.47
CA GLY A 62 -8.71 -1.98 -6.22
C GLY A 62 -8.14 -3.26 -6.81
N TRP A 63 -7.10 -3.10 -7.63
CA TRP A 63 -6.30 -4.22 -8.14
C TRP A 63 -6.32 -5.38 -7.15
N HIS A 64 -6.89 -6.52 -7.52
CA HIS A 64 -6.95 -7.67 -6.58
C HIS A 64 -5.56 -8.10 -6.12
N ASN A 65 -4.57 -8.00 -7.00
CA ASN A 65 -3.19 -8.38 -6.67
C ASN A 65 -2.47 -7.43 -5.69
N LEU A 66 -3.07 -6.26 -5.41
CA LEU A 66 -2.57 -5.31 -4.42
C LEU A 66 -3.34 -5.29 -3.12
N TRP A 67 -4.67 -5.37 -3.18
CA TRP A 67 -5.52 -5.33 -2.00
C TRP A 67 -6.48 -6.50 -2.00
N PRO A 68 -5.95 -7.74 -2.03
CA PRO A 68 -6.80 -8.93 -2.04
C PRO A 68 -7.64 -9.16 -0.79
N ARG A 69 -7.26 -8.59 0.35
CA ARG A 69 -8.00 -8.83 1.60
C ARG A 69 -9.47 -8.36 1.54
N PHE A 70 -9.74 -7.34 0.72
CA PHE A 70 -11.13 -6.86 0.57
C PHE A 70 -11.99 -7.67 -0.39
N TYR A 71 -11.41 -8.63 -1.09
CA TYR A 71 -12.18 -9.49 -2.01
C TYR A 71 -12.76 -10.64 -1.19
N ASN A 72 -13.84 -10.33 -0.50
CA ASN A 72 -14.55 -11.30 0.30
C ASN A 72 -16.04 -10.94 0.39
N LYS A 73 -16.85 -11.88 0.85
CA LYS A 73 -18.31 -11.70 0.81
C LYS A 73 -18.82 -10.60 1.75
N ASN A 74 -18.14 -10.43 2.87
CA ASN A 74 -18.60 -9.51 3.90
C ASN A 74 -18.35 -8.04 3.51
N ALA A 75 -17.19 -7.78 2.91
CA ALA A 75 -16.90 -6.46 2.37
C ALA A 75 -17.95 -6.03 1.35
N VAL A 76 -18.33 -6.97 0.47
CA VAL A 76 -19.34 -6.68 -0.55
C VAL A 76 -20.72 -6.42 0.09
N GLN A 77 -21.16 -7.27 1.01
CA GLN A 77 -22.42 -7.05 1.73
C GLN A 77 -22.38 -5.72 2.47
N TRP A 78 -21.27 -5.40 3.13
CA TRP A 78 -21.15 -4.12 3.79
C TRP A 78 -21.25 -2.92 2.80
N LEU A 79 -20.63 -3.03 1.64
CA LEU A 79 -20.77 -1.97 0.62
C LEU A 79 -22.21 -1.80 0.16
N ALA A 80 -22.92 -2.93 0.04
CA ALA A 80 -24.32 -2.93 -0.35
C ALA A 80 -25.18 -2.29 0.74
N ASP A 81 -25.02 -2.76 1.98
CA ASP A 81 -25.89 -2.36 3.09
C ASP A 81 -25.59 -0.96 3.63
N ASP A 82 -24.34 -0.68 3.95
CA ASP A 82 -23.97 0.58 4.62
C ASP A 82 -23.67 1.72 3.64
N TRP A 83 -22.93 1.43 2.55
CA TRP A 83 -22.61 2.47 1.53
C TRP A 83 -23.73 2.64 0.49
N LYS A 84 -24.65 1.68 0.45
CA LYS A 84 -25.76 1.66 -0.51
C LYS A 84 -25.28 1.52 -1.96
N CYS A 85 -24.18 0.78 -2.16
CA CYS A 85 -23.74 0.48 -3.51
C CYS A 85 -24.79 -0.37 -4.21
N THR A 86 -25.15 0.05 -5.41
CA THR A 86 -26.00 -0.73 -6.31
C THR A 86 -25.16 -1.46 -7.33
N VAL A 87 -23.86 -1.11 -7.40
CA VAL A 87 -22.90 -1.83 -8.20
C VAL A 87 -21.58 -1.98 -7.43
N VAL A 88 -20.88 -3.08 -7.68
N VAL A 88 -20.88 -3.08 -7.68
CA VAL A 88 -19.53 -3.31 -7.16
CA VAL A 88 -19.55 -3.32 -7.12
C VAL A 88 -18.64 -3.78 -8.30
C VAL A 88 -18.64 -3.80 -8.27
N ARG A 89 -17.43 -3.27 -8.35
CA ARG A 89 -16.51 -3.60 -9.46
C ARG A 89 -15.37 -4.41 -8.90
N ALA A 90 -15.11 -5.54 -9.57
CA ALA A 90 -14.02 -6.44 -9.24
C ALA A 90 -12.88 -6.19 -10.22
N ALA A 91 -11.80 -5.59 -9.72
CA ALA A 91 -10.70 -5.20 -10.58
C ALA A 91 -9.65 -6.31 -10.61
N MET A 92 -9.79 -7.20 -11.59
CA MET A 92 -8.85 -8.30 -11.77
C MET A 92 -7.62 -7.81 -12.53
N GLY A 93 -6.59 -7.47 -11.76
CA GLY A 93 -5.29 -7.07 -12.27
C GLY A 93 -4.66 -7.98 -13.28
N LEU A 94 -4.31 -7.40 -14.43
CA LEU A 94 -3.53 -8.07 -15.45
C LEU A 94 -2.09 -7.52 -15.53
N GLU A 95 -1.74 -6.60 -14.63
CA GLU A 95 -0.42 -5.97 -14.58
C GLU A 95 0.02 -6.00 -13.14
N ILE A 96 1.31 -5.71 -12.91
CA ILE A 96 1.91 -5.71 -11.57
C ILE A 96 2.03 -7.18 -11.11
N GLU A 97 2.97 -7.42 -10.19
CA GLU A 97 3.29 -8.74 -9.67
C GLU A 97 2.04 -9.47 -9.20
N ASP A 98 1.99 -10.78 -9.44
CA ASP A 98 0.90 -11.67 -8.97
C ASP A 98 -0.46 -11.48 -9.69
N ASN A 99 -0.42 -10.90 -10.88
CA ASN A 99 -1.61 -10.69 -11.74
C ASN A 99 -2.19 -11.99 -12.30
N TYR A 100 -3.28 -11.86 -13.07
CA TYR A 100 -3.99 -13.01 -13.65
C TYR A 100 -3.14 -13.93 -14.54
N ARG A 101 -2.29 -13.35 -15.38
CA ARG A 101 -1.42 -14.12 -16.27
C ARG A 101 -0.41 -14.98 -15.48
N GLU A 102 0.20 -14.37 -14.47
CA GLU A 102 1.17 -15.06 -13.61
C GLU A 102 0.49 -16.00 -12.60
N ASN A 103 -0.70 -15.66 -12.11
CA ASN A 103 -1.36 -16.45 -11.06
C ASN A 103 -2.88 -16.36 -11.23
N PRO A 104 -3.44 -17.13 -12.19
CA PRO A 104 -4.90 -17.07 -12.42
C PRO A 104 -5.75 -17.72 -11.33
N GLU A 105 -5.21 -18.70 -10.60
CA GLU A 105 -5.93 -19.35 -9.51
C GLU A 105 -6.25 -18.34 -8.39
N PHE A 106 -5.25 -17.53 -8.04
CA PHE A 106 -5.44 -16.48 -7.04
C PHE A 106 -6.40 -15.40 -7.51
N ALA A 107 -6.28 -14.99 -8.77
CA ALA A 107 -7.24 -14.08 -9.38
C ALA A 107 -8.67 -14.64 -9.24
N LEU A 108 -8.85 -15.93 -9.59
CA LEU A 108 -10.18 -16.56 -9.47
C LEU A 108 -10.62 -16.76 -8.01
N GLN A 109 -9.68 -16.99 -7.10
CA GLN A 109 -9.98 -16.99 -5.65
C GLN A 109 -10.51 -15.64 -5.12
N CYS A 110 -10.06 -14.54 -5.70
CA CYS A 110 -10.50 -13.20 -5.28
C CYS A 110 -11.86 -12.77 -5.84
N ILE A 111 -12.03 -12.88 -7.16
CA ILE A 111 -13.25 -12.39 -7.83
C ILE A 111 -14.52 -13.22 -7.54
N THR A 112 -14.36 -14.51 -7.28
CA THR A 112 -15.47 -15.44 -7.11
C THR A 112 -16.36 -15.08 -5.91
N PRO A 113 -15.79 -14.86 -4.71
CA PRO A 113 -16.66 -14.42 -3.61
C PRO A 113 -17.31 -13.06 -3.83
N VAL A 114 -16.65 -12.15 -4.55
CA VAL A 114 -17.22 -10.84 -4.85
C VAL A 114 -18.44 -10.99 -5.79
N ILE A 115 -18.30 -11.82 -6.83
CA ILE A 115 -19.39 -12.08 -7.79
C ILE A 115 -20.54 -12.77 -7.08
N GLU A 116 -20.23 -13.85 -6.37
CA GLU A 116 -21.24 -14.58 -5.60
C GLU A 116 -21.95 -13.67 -4.61
N SER A 117 -21.20 -12.88 -3.87
CA SER A 117 -21.80 -12.00 -2.86
C SER A 117 -22.73 -10.93 -3.48
N ALA A 118 -22.36 -10.42 -4.65
CA ALA A 118 -23.23 -9.50 -5.40
C ALA A 118 -24.55 -10.18 -5.83
N ILE A 119 -24.47 -11.45 -6.21
CA ILE A 119 -25.68 -12.25 -6.46
C ILE A 119 -26.49 -12.37 -5.16
N GLU A 120 -25.81 -12.82 -4.11
CA GLU A 120 -26.45 -13.04 -2.80
C GLU A 120 -27.15 -11.81 -2.24
N ASN A 121 -26.51 -10.65 -2.38
CA ASN A 121 -27.05 -9.39 -1.82
C ASN A 121 -27.84 -8.53 -2.80
N GLY A 122 -28.13 -9.06 -3.98
CA GLY A 122 -29.04 -8.39 -4.91
C GLY A 122 -28.50 -7.13 -5.59
N ILE A 123 -27.19 -7.10 -5.87
CA ILE A 123 -26.59 -5.96 -6.57
C ILE A 123 -25.83 -6.37 -7.83
N TYR A 124 -25.57 -5.38 -8.70
CA TYR A 124 -24.87 -5.61 -9.95
C TYR A 124 -23.38 -5.66 -9.67
N VAL A 125 -22.66 -6.37 -10.54
CA VAL A 125 -21.25 -6.55 -10.36
C VAL A 125 -20.54 -6.48 -11.71
N ILE A 126 -19.47 -5.67 -11.74
CA ILE A 126 -18.67 -5.53 -12.94
C ILE A 126 -17.49 -6.46 -12.78
N ILE A 127 -17.29 -7.32 -13.77
CA ILE A 127 -16.11 -8.17 -13.85
C ILE A 127 -15.14 -7.48 -14.76
N ASP A 128 -14.09 -6.91 -14.16
CA ASP A 128 -13.18 -6.00 -14.84
C ASP A 128 -11.80 -6.65 -15.08
N PHE A 129 -11.48 -6.79 -16.36
CA PHE A 129 -10.23 -7.31 -16.87
C PHE A 129 -9.31 -6.12 -16.81
N HIS A 130 -8.62 -6.00 -15.69
CA HIS A 130 -7.97 -4.77 -15.29
C HIS A 130 -6.56 -4.66 -15.91
N ALA A 131 -6.56 -4.37 -17.20
CA ALA A 131 -5.38 -4.32 -18.04
C ALA A 131 -5.15 -2.92 -18.55
N HIS A 132 -3.87 -2.59 -18.75
CA HIS A 132 -3.45 -1.46 -19.59
C HIS A 132 -3.00 -1.95 -20.97
N ASN A 133 -2.18 -2.99 -20.99
CA ASN A 133 -1.71 -3.58 -22.24
C ASN A 133 -2.80 -4.45 -22.87
N LYS A 134 -2.57 -4.85 -24.12
CA LYS A 134 -3.52 -5.67 -24.89
C LYS A 134 -3.24 -7.16 -24.72
N TYR A 135 -4.22 -7.89 -24.18
CA TYR A 135 -4.09 -9.33 -23.87
C TYR A 135 -5.27 -10.10 -24.45
N THR A 136 -5.33 -10.11 -25.78
CA THR A 136 -6.50 -10.56 -26.54
C THR A 136 -6.92 -12.00 -26.25
N GLU A 137 -5.97 -12.92 -26.27
CA GLU A 137 -6.28 -14.35 -26.10
C GLU A 137 -6.66 -14.69 -24.66
N GLU A 138 -6.03 -13.99 -23.70
CA GLU A 138 -6.32 -14.18 -22.28
C GLU A 138 -7.73 -13.68 -21.97
N ALA A 139 -8.07 -12.52 -22.56
CA ALA A 139 -9.39 -11.92 -22.41
C ALA A 139 -10.50 -12.85 -22.93
N LYS A 140 -10.28 -13.41 -24.13
CA LYS A 140 -11.26 -14.35 -24.71
C LYS A 140 -11.47 -15.58 -23.85
N THR A 141 -10.38 -16.16 -23.35
CA THR A 141 -10.50 -17.38 -22.54
C THR A 141 -11.13 -17.09 -21.20
N PHE A 142 -10.73 -15.96 -20.59
CA PHE A 142 -11.28 -15.54 -19.31
C PHE A 142 -12.77 -15.24 -19.43
N PHE A 143 -13.14 -14.41 -20.39
CA PHE A 143 -14.54 -13.99 -20.50
C PHE A 143 -15.47 -15.11 -20.96
N ALA A 144 -14.97 -16.04 -21.79
CA ALA A 144 -15.70 -17.26 -22.14
C ALA A 144 -16.07 -18.06 -20.89
N GLY A 145 -15.10 -18.23 -19.99
CA GLY A 145 -15.33 -18.94 -18.74
C GLY A 145 -16.28 -18.18 -17.81
N MET A 146 -16.12 -16.87 -17.73
CA MET A 146 -17.03 -16.03 -16.94
C MET A 146 -18.43 -16.01 -17.56
N ALA A 147 -18.51 -15.91 -18.87
CA ALA A 147 -19.79 -15.96 -19.58
C ALA A 147 -20.53 -17.27 -19.34
N GLU A 148 -19.80 -18.39 -19.37
CA GLU A 148 -20.39 -19.72 -19.14
C GLU A 148 -20.90 -19.84 -17.72
N LYS A 149 -20.07 -19.48 -16.75
CA LYS A 149 -20.45 -19.59 -15.34
C LYS A 149 -21.59 -18.67 -14.96
N TYR A 150 -21.53 -17.41 -15.39
CA TYR A 150 -22.33 -16.36 -14.77
C TYR A 150 -23.25 -15.58 -15.71
N GLY A 151 -23.32 -15.95 -16.99
CA GLY A 151 -24.04 -15.16 -18.00
C GLY A 151 -25.56 -15.15 -17.92
N GLU A 152 -26.14 -16.08 -17.17
CA GLU A 152 -27.61 -16.10 -16.95
C GLU A 152 -28.04 -15.18 -15.81
N TYR A 153 -27.11 -14.79 -14.93
CA TYR A 153 -27.42 -13.88 -13.83
C TYR A 153 -27.51 -12.46 -14.36
N PRO A 154 -28.61 -11.75 -14.02
CA PRO A 154 -28.72 -10.35 -14.47
C PRO A 154 -27.75 -9.39 -13.77
N ASN A 155 -27.19 -9.82 -12.63
CA ASN A 155 -26.20 -9.01 -11.88
C ASN A 155 -24.93 -8.65 -12.64
N VAL A 156 -24.54 -9.50 -13.59
CA VAL A 156 -23.17 -9.50 -14.10
C VAL A 156 -23.03 -8.57 -15.30
N ILE A 157 -22.07 -7.64 -15.18
CA ILE A 157 -21.61 -6.77 -16.25
C ILE A 157 -20.14 -7.11 -16.53
N TYR A 158 -19.76 -7.17 -17.80
CA TYR A 158 -18.37 -7.43 -18.20
C TYR A 158 -17.69 -6.13 -18.59
N GLU A 159 -16.45 -5.95 -18.16
CA GLU A 159 -15.66 -4.80 -18.58
C GLU A 159 -14.35 -5.33 -19.17
N ILE A 160 -14.26 -5.27 -20.48
CA ILE A 160 -13.33 -6.12 -21.21
C ILE A 160 -11.87 -5.63 -21.27
N TRP A 161 -11.65 -4.35 -20.98
CA TRP A 161 -10.29 -3.80 -21.00
C TRP A 161 -10.30 -2.49 -20.22
N ASN A 162 -9.85 -2.57 -18.97
CA ASN A 162 -9.93 -1.45 -18.03
C ASN A 162 -9.54 -0.10 -18.65
N GLU A 163 -8.27 0.05 -18.97
CA GLU A 163 -7.73 1.32 -19.40
C GLU A 163 -6.65 1.06 -20.46
N PRO A 164 -7.07 0.95 -21.72
CA PRO A 164 -6.08 0.98 -22.78
C PRO A 164 -5.36 2.35 -22.73
N ASP A 165 -4.03 2.33 -22.77
CA ASP A 165 -3.24 3.57 -22.75
C ASP A 165 -2.83 4.01 -24.17
N TYR A 166 -1.66 3.56 -24.64
CA TYR A 166 -1.05 4.09 -25.87
C TYR A 166 -1.35 3.15 -27.05
N PHE A 167 -2.55 3.32 -27.61
CA PHE A 167 -3.06 2.53 -28.72
C PHE A 167 -3.89 3.45 -29.59
N GLU A 168 -4.04 3.06 -30.85
CA GLU A 168 -5.02 3.68 -31.73
C GLU A 168 -6.36 3.01 -31.43
N TRP A 169 -7.45 3.76 -31.56
CA TRP A 169 -8.79 3.23 -31.31
C TRP A 169 -9.08 1.99 -32.15
N GLU A 170 -8.64 1.97 -33.41
CA GLU A 170 -8.83 0.82 -34.31
C GLU A 170 -8.35 -0.51 -33.70
N GLU A 171 -7.18 -0.48 -33.06
CA GLU A 171 -6.62 -1.68 -32.43
C GLU A 171 -7.46 -2.16 -31.21
N VAL A 172 -8.03 -1.19 -30.48
CA VAL A 172 -8.86 -1.48 -29.34
C VAL A 172 -10.26 -1.94 -29.78
N LYS A 173 -10.75 -1.37 -30.87
CA LYS A 173 -12.03 -1.80 -31.47
C LYS A 173 -11.96 -3.25 -31.96
N THR A 174 -10.84 -3.64 -32.55
CA THR A 174 -10.66 -5.02 -33.05
C THR A 174 -10.67 -6.00 -31.89
N TYR A 175 -9.85 -5.72 -30.88
CA TYR A 175 -9.85 -6.47 -29.62
C TYR A 175 -11.26 -6.63 -29.08
N SER A 176 -11.98 -5.51 -29.08
CA SER A 176 -13.32 -5.45 -28.51
C SER A 176 -14.34 -6.25 -29.31
N GLU A 177 -14.34 -6.07 -30.63
CA GLU A 177 -15.16 -6.89 -31.55
C GLU A 177 -14.93 -8.39 -31.30
N GLU A 178 -13.66 -8.77 -31.23
CA GLU A 178 -13.30 -10.17 -31.05
C GLU A 178 -13.69 -10.77 -29.68
N VAL A 179 -13.52 -10.00 -28.61
CA VAL A 179 -13.91 -10.44 -27.26
C VAL A 179 -15.43 -10.42 -27.11
N ILE A 180 -16.07 -9.37 -27.61
CA ILE A 180 -17.55 -9.29 -27.63
C ILE A 180 -18.13 -10.49 -28.37
N ALA A 181 -17.55 -10.82 -29.52
CA ALA A 181 -17.99 -11.99 -30.31
C ALA A 181 -17.98 -13.26 -29.49
N VAL A 182 -16.92 -13.48 -28.72
CA VAL A 182 -16.84 -14.65 -27.84
C VAL A 182 -17.89 -14.61 -26.74
N ILE A 183 -18.06 -13.45 -26.10
CA ILE A 183 -19.00 -13.31 -24.98
C ILE A 183 -20.42 -13.53 -25.46
N ARG A 184 -20.80 -12.83 -26.52
CA ARG A 184 -22.17 -12.90 -27.05
C ARG A 184 -22.61 -14.29 -27.47
N ALA A 185 -21.68 -15.14 -27.91
CA ALA A 185 -22.01 -16.50 -28.32
C ALA A 185 -22.57 -17.33 -27.14
N ILE A 186 -22.12 -17.01 -25.92
CA ILE A 186 -22.55 -17.69 -24.69
C ILE A 186 -23.61 -16.86 -23.93
N ASP A 187 -23.36 -15.56 -23.80
CA ASP A 187 -24.20 -14.64 -23.04
C ASP A 187 -24.71 -13.55 -23.99
N PRO A 188 -25.89 -13.77 -24.61
CA PRO A 188 -26.34 -12.85 -25.64
C PRO A 188 -26.81 -11.48 -25.14
N ASP A 189 -27.20 -11.38 -23.87
CA ASP A 189 -27.90 -10.17 -23.38
C ASP A 189 -27.18 -9.24 -22.37
N ASN A 190 -26.25 -9.76 -21.55
CA ASN A 190 -25.67 -8.97 -20.45
C ASN A 190 -24.79 -7.84 -20.96
N ILE A 191 -24.65 -6.80 -20.14
CA ILE A 191 -23.95 -5.58 -20.56
C ILE A 191 -22.46 -5.86 -20.67
N ILE A 192 -21.84 -5.30 -21.72
CA ILE A 192 -20.41 -5.33 -21.92
C ILE A 192 -19.93 -3.90 -21.99
N LEU A 193 -18.98 -3.54 -21.13
CA LEU A 193 -18.42 -2.20 -21.12
C LEU A 193 -17.12 -2.20 -21.88
N VAL A 194 -16.94 -1.22 -22.75
CA VAL A 194 -15.81 -1.17 -23.70
C VAL A 194 -14.92 0.03 -23.43
N GLY A 195 -13.65 -0.25 -23.17
CA GLY A 195 -12.67 0.77 -22.92
C GLY A 195 -12.18 1.40 -24.20
N SER A 196 -11.52 2.54 -24.06
CA SER A 196 -10.94 3.26 -25.19
C SER A 196 -9.58 3.86 -24.80
N PRO A 197 -8.76 4.25 -25.81
CA PRO A 197 -7.39 4.67 -25.49
C PRO A 197 -7.29 5.94 -24.65
N HIS A 198 -6.10 6.14 -24.10
CA HIS A 198 -5.83 7.20 -23.14
C HIS A 198 -6.74 7.10 -21.92
N TRP A 199 -6.77 5.91 -21.32
CA TRP A 199 -7.45 5.66 -20.05
C TRP A 199 -8.94 5.96 -20.14
N ASP A 200 -9.56 5.45 -21.20
CA ASP A 200 -10.97 5.71 -21.51
C ASP A 200 -11.30 7.22 -21.59
N GLN A 201 -10.44 7.99 -22.28
CA GLN A 201 -10.71 9.41 -22.58
C GLN A 201 -11.03 9.68 -24.04
N ASP A 202 -10.73 8.74 -24.95
CA ASP A 202 -10.89 8.98 -26.38
C ASP A 202 -12.25 8.55 -26.93
N LEU A 203 -13.31 9.05 -26.30
CA LEU A 203 -14.67 8.79 -26.75
C LEU A 203 -14.97 9.44 -28.10
N HIS A 204 -14.38 10.61 -28.34
CA HIS A 204 -14.40 11.26 -29.66
C HIS A 204 -13.88 10.38 -30.84
N LEU A 205 -12.92 9.49 -30.59
CA LEU A 205 -12.50 8.50 -31.58
C LEU A 205 -13.56 7.39 -31.75
N VAL A 206 -14.13 6.97 -30.62
CA VAL A 206 -15.25 6.02 -30.62
C VAL A 206 -16.45 6.58 -31.38
N ALA A 207 -16.76 7.86 -31.16
CA ALA A 207 -17.88 8.55 -31.85
C ALA A 207 -17.77 8.45 -33.37
N GLU A 208 -16.56 8.65 -33.89
CA GLU A 208 -16.28 8.57 -35.32
C GLU A 208 -16.29 7.16 -35.93
N ASP A 209 -15.97 6.14 -35.12
CA ASP A 209 -15.83 4.76 -35.58
C ASP A 209 -16.37 3.74 -34.52
N PRO A 210 -17.67 3.73 -34.26
CA PRO A 210 -18.21 2.83 -33.23
C PRO A 210 -18.31 1.38 -33.69
N ILE A 211 -18.46 0.49 -32.71
CA ILE A 211 -18.73 -0.93 -32.99
C ILE A 211 -20.18 -1.07 -33.43
N ARG A 212 -20.41 -1.77 -34.55
CA ARG A 212 -21.73 -1.88 -35.17
C ARG A 212 -22.29 -3.28 -35.02
N ASP A 213 -23.59 -3.39 -35.24
CA ASP A 213 -24.34 -4.66 -35.16
C ASP A 213 -24.12 -5.39 -33.83
N VAL A 214 -24.13 -4.63 -32.74
CA VAL A 214 -23.94 -5.18 -31.40
C VAL A 214 -24.95 -4.51 -30.47
N SER A 215 -25.56 -5.29 -29.58
CA SER A 215 -26.51 -4.73 -28.63
C SER A 215 -25.99 -4.82 -27.19
N ASN A 216 -26.55 -4.01 -26.31
CA ASN A 216 -26.23 -3.98 -24.89
C ASN A 216 -24.74 -3.84 -24.58
N ILE A 217 -24.10 -2.91 -25.29
CA ILE A 217 -22.77 -2.48 -24.93
C ILE A 217 -22.79 -0.99 -24.57
N MET A 218 -21.84 -0.59 -23.73
CA MET A 218 -21.56 0.82 -23.45
C MET A 218 -20.07 1.03 -23.46
N TYR A 219 -19.68 2.28 -23.61
CA TYR A 219 -18.29 2.68 -23.63
C TYR A 219 -17.90 3.34 -22.31
N THR A 220 -16.72 3.03 -21.80
CA THR A 220 -16.34 3.54 -20.51
C THR A 220 -15.68 4.89 -20.63
N MET A 221 -15.78 5.64 -19.54
CA MET A 221 -15.03 6.88 -19.37
C MET A 221 -14.52 6.90 -17.96
N HIS A 222 -13.25 7.24 -17.77
CA HIS A 222 -12.65 7.40 -16.45
C HIS A 222 -12.18 8.83 -16.21
N PHE A 223 -12.55 9.39 -15.07
CA PHE A 223 -12.09 10.74 -14.69
C PHE A 223 -11.59 10.75 -13.26
N TYR A 224 -10.69 11.69 -12.98
CA TYR A 224 -10.13 11.95 -11.67
C TYR A 224 -10.21 13.46 -11.52
N ALA A 225 -11.09 13.88 -10.61
CA ALA A 225 -11.61 15.25 -10.61
C ALA A 225 -10.57 16.35 -10.36
N ALA A 226 -9.47 16.02 -9.68
CA ALA A 226 -8.41 17.01 -9.41
C ALA A 226 -7.44 17.23 -10.60
N THR A 227 -7.54 16.36 -11.62
CA THR A 227 -6.67 16.43 -12.79
C THR A 227 -7.44 16.82 -14.05
N HIS A 228 -8.52 16.09 -14.33
CA HIS A 228 -9.22 16.19 -15.60
C HIS A 228 -10.28 17.27 -15.52
N GLU A 229 -10.05 18.34 -16.27
CA GLU A 229 -10.90 19.53 -16.27
C GLU A 229 -12.14 19.36 -17.18
N ALA A 230 -12.87 20.45 -17.41
CA ALA A 230 -14.16 20.46 -18.12
C ALA A 230 -14.18 19.84 -19.52
N TRP A 231 -13.05 19.89 -20.24
CA TRP A 231 -12.97 19.31 -21.57
C TRP A 231 -13.50 17.85 -21.66
N LEU A 232 -13.16 17.03 -20.67
CA LEU A 232 -13.52 15.61 -20.67
C LEU A 232 -15.05 15.40 -20.57
N ARG A 233 -15.72 16.23 -19.78
CA ARG A 233 -17.20 16.24 -19.72
C ARG A 233 -17.83 16.67 -21.04
N ASP A 234 -17.21 17.66 -21.69
CA ASP A 234 -17.68 18.20 -22.98
C ASP A 234 -17.48 17.17 -24.09
N ARG A 235 -16.30 16.56 -24.12
CA ARG A 235 -16.03 15.43 -25.01
C ARG A 235 -17.01 14.29 -24.81
N THR A 236 -17.29 13.94 -23.55
CA THR A 236 -18.23 12.86 -23.26
C THR A 236 -19.63 13.22 -23.73
N ASP A 237 -20.10 14.44 -23.41
CA ASP A 237 -21.41 14.92 -23.91
C ASP A 237 -21.54 14.86 -25.43
N GLU A 238 -20.50 15.34 -26.12
CA GLU A 238 -20.41 15.26 -27.59
C GLU A 238 -20.54 13.84 -28.15
N ALA A 239 -19.95 12.86 -27.44
CA ALA A 239 -20.05 11.45 -27.85
C ALA A 239 -21.47 10.92 -27.62
N ILE A 240 -22.04 11.23 -26.46
CA ILE A 240 -23.43 10.87 -26.16
C ILE A 240 -24.41 11.40 -27.22
N ALA A 241 -24.21 12.65 -27.65
CA ALA A 241 -25.00 13.28 -28.73
C ALA A 241 -24.90 12.53 -30.06
N LYS A 242 -23.70 12.03 -30.38
CA LYS A 242 -23.50 11.16 -31.54
C LYS A 242 -23.91 9.69 -31.32
N GLY A 243 -24.70 9.41 -30.28
CA GLY A 243 -25.22 8.06 -30.03
C GLY A 243 -24.28 7.05 -29.35
N ILE A 244 -23.31 7.53 -28.59
CA ILE A 244 -22.39 6.67 -27.84
C ILE A 244 -22.88 6.53 -26.38
N PRO A 245 -23.30 5.31 -25.97
CA PRO A 245 -23.62 5.12 -24.56
C PRO A 245 -22.35 5.15 -23.70
N VAL A 246 -22.44 5.82 -22.54
CA VAL A 246 -21.31 6.07 -21.65
C VAL A 246 -21.58 5.60 -20.22
N PHE A 247 -20.70 4.74 -19.71
CA PHE A 247 -20.76 4.25 -18.33
C PHE A 247 -19.41 4.57 -17.70
N VAL A 248 -19.41 5.33 -16.61
CA VAL A 248 -18.18 5.63 -15.86
C VAL A 248 -17.83 4.44 -14.93
N SER A 249 -16.99 3.54 -15.41
CA SER A 249 -16.65 2.32 -14.65
C SER A 249 -15.57 2.56 -13.61
N GLU A 250 -14.91 3.72 -13.68
CA GLU A 250 -13.94 4.09 -12.66
C GLU A 250 -13.80 5.59 -12.61
N CYS A 251 -13.87 6.15 -11.40
CA CYS A 251 -13.62 7.56 -11.20
C CYS A 251 -13.22 7.88 -9.79
N GLY A 252 -12.69 9.07 -9.60
CA GLY A 252 -12.35 9.56 -8.27
C GLY A 252 -12.20 11.06 -8.13
N GLY A 253 -12.06 11.48 -6.88
CA GLY A 253 -11.87 12.89 -6.51
C GLY A 253 -10.41 13.27 -6.42
N SER A 254 -9.55 12.27 -6.33
CA SER A 254 -8.10 12.48 -6.28
C SER A 254 -7.55 12.97 -7.64
N GLU A 255 -6.22 13.09 -7.74
CA GLU A 255 -5.55 13.33 -9.02
C GLU A 255 -5.42 12.00 -9.78
N ALA A 256 -5.05 12.08 -11.06
CA ALA A 256 -5.07 10.92 -11.99
C ALA A 256 -4.19 9.75 -11.57
N ASN A 257 -3.07 10.03 -10.90
CA ASN A 257 -2.22 8.96 -10.36
C ASN A 257 -2.79 8.22 -9.12
N GLY A 258 -3.93 8.67 -8.59
CA GLY A 258 -4.55 8.09 -7.41
C GLY A 258 -4.15 8.77 -6.12
N ASP A 259 -3.33 9.82 -6.22
CA ASP A 259 -2.80 10.54 -5.07
C ASP A 259 -2.98 12.06 -5.27
N GLY A 260 -2.22 12.89 -4.56
CA GLY A 260 -2.34 14.34 -4.63
C GLY A 260 -3.62 14.86 -4.01
N ARG A 261 -4.06 16.02 -4.49
CA ARG A 261 -5.20 16.75 -3.92
C ARG A 261 -6.51 15.99 -4.02
N LEU A 262 -7.37 16.17 -3.03
CA LEU A 262 -8.75 15.74 -3.13
C LEU A 262 -9.54 16.95 -3.60
N GLY A 263 -9.99 16.92 -4.85
CA GLY A 263 -10.77 18.03 -5.42
C GLY A 263 -12.24 17.91 -5.13
N ILE A 264 -12.64 18.36 -3.94
CA ILE A 264 -14.01 18.16 -3.45
C ILE A 264 -15.09 18.88 -4.26
N GLU A 265 -14.83 20.13 -4.64
CA GLU A 265 -15.76 20.88 -5.47
C GLU A 265 -15.84 20.27 -6.87
N GLU A 266 -14.69 19.90 -7.43
CA GLU A 266 -14.63 19.26 -8.74
C GLU A 266 -15.37 17.92 -8.75
N TRP A 267 -15.22 17.13 -7.69
CA TRP A 267 -16.00 15.91 -7.50
C TRP A 267 -17.51 16.19 -7.54
N LYS A 268 -17.97 17.18 -6.78
CA LYS A 268 -19.38 17.56 -6.84
C LYS A 268 -19.85 17.94 -8.26
N THR A 269 -19.01 18.67 -9.00
CA THR A 269 -19.34 19.13 -10.36
C THR A 269 -19.57 17.92 -11.26
N TYR A 270 -18.62 16.98 -11.22
CA TYR A 270 -18.73 15.73 -11.99
C TYR A 270 -19.92 14.90 -11.61
N VAL A 271 -20.14 14.67 -10.31
CA VAL A 271 -21.30 13.87 -9.88
C VAL A 271 -22.62 14.51 -10.30
N ASP A 272 -22.75 15.83 -10.13
CA ASP A 272 -23.96 16.54 -10.54
C ASP A 272 -24.18 16.45 -12.05
N TRP A 273 -23.10 16.58 -12.81
CA TRP A 273 -23.13 16.44 -14.27
C TRP A 273 -23.59 15.02 -14.66
N MET A 274 -23.01 13.99 -14.04
CA MET A 274 -23.43 12.61 -14.31
C MET A 274 -24.89 12.35 -13.94
N GLU A 275 -25.34 12.90 -12.82
CA GLU A 275 -26.70 12.67 -12.36
C GLU A 275 -27.74 13.30 -13.30
N SER A 276 -27.44 14.49 -13.85
CA SER A 276 -28.32 15.14 -14.82
C SER A 276 -28.32 14.39 -16.17
N ARG A 277 -27.19 13.78 -16.53
CA ARG A 277 -27.10 12.91 -17.71
C ARG A 277 -27.54 11.46 -17.47
N LYS A 278 -27.93 11.09 -16.26
CA LYS A 278 -28.24 9.68 -15.91
C LYS A 278 -27.12 8.70 -16.30
N ILE A 279 -25.87 9.12 -16.08
CA ILE A 279 -24.67 8.30 -16.33
C ILE A 279 -24.36 7.54 -15.04
N SER A 280 -24.18 6.22 -15.16
CA SER A 280 -23.82 5.40 -14.01
C SER A 280 -22.35 5.61 -13.64
N TRP A 281 -22.02 5.48 -12.36
CA TRP A 281 -20.63 5.72 -11.89
C TRP A 281 -20.14 4.83 -10.76
N VAL A 282 -18.85 4.55 -10.78
CA VAL A 282 -18.19 3.69 -9.81
C VAL A 282 -16.94 4.39 -9.31
N ALA A 283 -16.88 4.63 -7.99
CA ALA A 283 -15.75 5.34 -7.38
C ALA A 283 -14.60 4.38 -7.02
N TRP A 284 -13.36 4.85 -7.23
CA TRP A 284 -12.10 4.08 -6.99
C TRP A 284 -11.27 4.72 -5.85
N SER A 285 -10.72 3.97 -4.88
CA SER A 285 -10.79 2.51 -4.72
C SER A 285 -10.96 2.15 -3.26
N VAL A 286 -11.62 1.00 -3.06
CA VAL A 286 -11.79 0.41 -1.73
C VAL A 286 -10.49 -0.34 -1.46
N SER A 287 -9.56 0.38 -0.86
CA SER A 287 -8.19 -0.07 -0.65
C SER A 287 -7.57 0.81 0.45
N ASP A 288 -6.39 0.45 0.93
CA ASP A 288 -5.76 1.08 2.11
C ASP A 288 -4.29 1.49 1.94
N LYS A 289 -3.89 1.77 0.72
CA LYS A 289 -2.56 2.30 0.46
C LYS A 289 -2.51 3.73 1.00
N ASN A 290 -1.33 4.26 1.30
CA ASN A 290 -1.18 5.68 1.65
CA ASN A 290 -1.18 5.67 1.66
C ASN A 290 -1.25 6.58 0.43
N GLU A 291 -2.45 6.64 -0.15
CA GLU A 291 -2.74 7.46 -1.33
C GLU A 291 -4.15 8.05 -1.14
N THR A 292 -4.35 9.23 -1.70
CA THR A 292 -5.63 9.94 -1.62
C THR A 292 -6.83 9.10 -2.11
N CYS A 293 -6.65 8.37 -3.22
CA CYS A 293 -7.74 7.54 -3.78
C CYS A 293 -8.08 6.25 -3.00
N SER A 294 -7.28 5.86 -2.00
CA SER A 294 -7.55 4.63 -1.20
C SER A 294 -8.49 5.05 -0.10
N MET A 295 -9.69 4.49 -0.10
CA MET A 295 -10.78 4.99 0.77
C MET A 295 -10.67 4.64 2.27
N LEU A 296 -9.86 3.65 2.62
CA LEU A 296 -9.82 3.10 3.99
C LEU A 296 -8.43 3.19 4.63
N LEU A 297 -8.41 3.28 5.95
CA LEU A 297 -7.16 3.13 6.71
C LEU A 297 -6.77 1.65 6.80
N PRO A 298 -5.45 1.34 6.85
CA PRO A 298 -5.01 -0.04 7.00
C PRO A 298 -5.58 -0.79 8.19
N ARG A 299 -5.89 -0.06 9.26
CA ARG A 299 -6.51 -0.62 10.45
C ARG A 299 -7.88 -1.25 10.20
N ALA A 300 -8.56 -0.82 9.15
CA ALA A 300 -9.89 -1.29 8.82
C ALA A 300 -9.93 -2.82 8.68
N SER A 301 -11.01 -3.44 9.15
CA SER A 301 -11.21 -4.88 8.95
C SER A 301 -11.43 -5.16 7.47
N ALA A 302 -10.93 -6.30 7.01
CA ALA A 302 -11.28 -6.84 5.69
C ALA A 302 -12.79 -7.08 5.55
N ASP A 303 -13.46 -7.42 6.65
CA ASP A 303 -14.86 -7.83 6.63
C ASP A 303 -15.87 -6.68 6.63
N GLY A 304 -15.43 -5.43 6.77
CA GLY A 304 -16.33 -4.29 6.81
C GLY A 304 -16.50 -3.73 8.21
N ASN A 305 -17.70 -3.23 8.51
CA ASN A 305 -18.03 -2.47 9.72
C ASN A 305 -17.14 -1.25 9.92
N TRP A 306 -16.86 -0.54 8.84
CA TRP A 306 -15.94 0.60 8.89
C TRP A 306 -16.67 1.76 9.57
N THR A 307 -16.26 2.04 10.81
CA THR A 307 -16.69 3.24 11.52
C THR A 307 -16.08 4.49 10.86
N GLU A 308 -16.65 5.65 11.12
CA GLU A 308 -16.19 6.90 10.49
C GLU A 308 -14.69 7.19 10.56
N ASP A 309 -14.05 6.82 11.66
CA ASP A 309 -12.60 7.03 11.85
C ASP A 309 -11.71 6.19 10.90
N LEU A 310 -12.27 5.09 10.39
CA LEU A 310 -11.56 4.19 9.48
C LEU A 310 -11.69 4.59 8.03
N LEU A 311 -12.60 5.51 7.75
CA LEU A 311 -12.78 6.04 6.43
C LEU A 311 -11.82 7.18 6.22
N LYS A 312 -11.10 7.14 5.11
CA LYS A 312 -10.28 8.25 4.69
C LYS A 312 -11.23 9.37 4.20
N PRO A 313 -10.73 10.62 4.12
CA PRO A 313 -11.54 11.71 3.56
C PRO A 313 -12.27 11.37 2.24
N TRP A 314 -11.55 10.77 1.29
CA TRP A 314 -12.15 10.28 0.04
C TRP A 314 -13.17 9.15 0.27
N GLY A 315 -12.93 8.32 1.28
CA GLY A 315 -13.88 7.29 1.70
C GLY A 315 -15.20 7.88 2.18
N LYS A 316 -15.11 8.86 3.07
CA LYS A 316 -16.30 9.56 3.55
C LYS A 316 -17.07 10.24 2.42
N LEU A 317 -16.35 10.95 1.56
CA LEU A 317 -16.94 11.64 0.43
C LEU A 317 -17.62 10.68 -0.55
N THR A 318 -16.98 9.53 -0.80
CA THR A 318 -17.56 8.48 -1.64
C THR A 318 -18.81 7.86 -1.01
N ARG A 319 -18.72 7.50 0.27
CA ARG A 319 -19.85 6.89 0.97
C ARG A 319 -21.05 7.82 0.94
N ASN A 320 -20.82 9.09 1.27
CA ASN A 320 -21.90 10.08 1.29
C ASN A 320 -22.48 10.30 -0.09
N SER A 321 -21.61 10.44 -1.08
CA SER A 321 -22.03 10.60 -2.47
C SER A 321 -22.94 9.48 -2.91
N ILE A 322 -22.56 8.25 -2.59
CA ILE A 322 -23.33 7.09 -3.02
C ILE A 322 -24.64 7.00 -2.24
N ARG A 323 -24.59 7.25 -0.95
CA ARG A 323 -25.78 7.15 -0.08
C ARG A 323 -26.87 8.17 -0.38
N ASN A 324 -26.48 9.41 -0.70
CA ASN A 324 -27.44 10.47 -0.97
C ASN A 324 -28.07 10.29 -2.38
N ALA A 325 -27.27 9.88 -3.35
CA ALA A 325 -27.76 9.51 -4.70
C ALA A 325 -28.72 8.30 -4.65
N ASN A 326 -28.37 7.26 -3.90
CA ASN A 326 -29.25 6.10 -3.66
C ASN A 326 -30.00 6.22 -2.34
N ARG B 30 21.00 -21.85 20.55
CA ARG B 30 20.92 -20.76 21.58
C ARG B 30 20.69 -19.41 20.89
N SER B 31 19.89 -18.54 21.49
CA SER B 31 19.54 -17.25 20.89
C SER B 31 20.61 -16.18 21.08
N ILE B 32 20.59 -15.15 20.22
CA ILE B 32 21.57 -14.05 20.24
C ILE B 32 21.58 -13.27 21.58
N VAL B 33 20.38 -13.09 22.17
CA VAL B 33 20.24 -12.39 23.44
C VAL B 33 20.77 -13.25 24.59
N ALA B 34 20.50 -14.56 24.53
CA ALA B 34 21.12 -15.53 25.47
C ALA B 34 22.66 -15.49 25.38
N GLN B 35 23.18 -15.61 24.17
CA GLN B 35 24.65 -15.50 23.91
C GLN B 35 25.31 -14.18 24.35
N ASN B 36 24.63 -13.06 24.12
CA ASN B 36 25.26 -11.73 24.33
C ASN B 36 24.76 -10.91 25.52
N GLY B 37 23.54 -11.15 25.98
CA GLY B 37 22.95 -10.39 27.09
C GLY B 37 22.84 -8.89 26.83
N ARG B 38 23.14 -8.09 27.86
CA ARG B 38 23.08 -6.64 27.78
C ARG B 38 24.18 -6.05 26.89
N LEU B 39 23.76 -5.25 25.91
CA LEU B 39 24.69 -4.63 24.98
C LEU B 39 25.29 -3.37 25.58
N GLN B 40 26.46 -2.98 25.07
CA GLN B 40 27.13 -1.74 25.51
C GLN B 40 27.97 -1.22 24.37
N VAL B 41 28.28 0.06 24.41
CA VAL B 41 29.11 0.70 23.39
C VAL B 41 30.48 1.03 24.01
N ILE B 42 31.53 0.47 23.42
CA ILE B 42 32.90 0.71 23.87
C ILE B 42 33.64 1.39 22.74
N GLY B 43 34.11 2.60 22.98
CA GLY B 43 34.57 3.49 21.92
C GLY B 43 33.43 3.64 20.94
N THR B 44 33.62 3.11 19.73
CA THR B 44 32.59 3.13 18.69
C THR B 44 31.85 1.81 18.53
N GLN B 45 32.32 0.75 19.16
CA GLN B 45 31.90 -0.60 18.82
C GLN B 45 30.78 -1.08 19.72
N LEU B 46 29.64 -1.39 19.11
CA LEU B 46 28.55 -2.06 19.81
C LEU B 46 29.09 -3.40 20.28
N SER B 47 28.90 -3.72 21.56
CA SER B 47 29.55 -4.89 22.18
C SER B 47 28.61 -5.64 23.13
N ASN B 48 28.96 -6.88 23.49
CA ASN B 48 28.16 -7.68 24.45
C ASN B 48 28.58 -7.46 25.90
N GLU B 49 27.89 -8.13 26.82
CA GLU B 49 28.25 -8.11 28.26
C GLU B 49 29.74 -8.30 28.51
N LYS B 50 30.34 -9.27 27.81
CA LYS B 50 31.77 -9.58 27.95
C LYS B 50 32.67 -8.68 27.13
N GLY B 51 32.12 -7.68 26.44
CA GLY B 51 32.91 -6.67 25.73
C GLY B 51 33.38 -7.06 24.35
N GLU B 52 32.95 -8.21 23.85
CA GLU B 52 33.30 -8.62 22.48
C GLU B 52 32.38 -7.85 21.54
N PRO B 53 32.86 -7.53 20.33
CA PRO B 53 31.99 -6.88 19.36
C PRO B 53 30.74 -7.70 19.03
N VAL B 54 29.61 -7.01 18.85
CA VAL B 54 28.38 -7.61 18.34
C VAL B 54 28.01 -6.85 17.06
N VAL B 55 27.58 -7.61 16.06
CA VAL B 55 27.03 -7.08 14.82
C VAL B 55 25.62 -7.67 14.67
N LEU B 56 24.62 -6.81 14.77
CA LEU B 56 23.22 -7.23 14.57
C LEU B 56 22.85 -7.04 13.12
N ARG B 57 22.16 -8.03 12.57
CA ARG B 57 21.60 -7.97 11.22
C ARG B 57 20.15 -8.40 11.27
N GLY B 58 19.27 -7.58 10.71
CA GLY B 58 17.85 -7.93 10.65
C GLY B 58 17.02 -7.05 9.74
N ALA B 59 15.72 -6.95 10.07
CA ALA B 59 14.74 -6.30 9.21
C ALA B 59 13.79 -5.43 10.02
N SER B 60 13.38 -4.29 9.42
CA SER B 60 12.39 -3.39 10.01
C SER B 60 11.01 -3.64 9.43
N LEU B 61 10.02 -3.70 10.31
CA LEU B 61 8.62 -3.59 9.88
C LEU B 61 8.48 -2.17 9.36
N GLY B 62 7.54 -1.95 8.46
CA GLY B 62 7.28 -0.59 7.97
C GLY B 62 6.40 0.17 8.94
N TRP B 63 6.20 1.45 8.62
CA TRP B 63 5.24 2.31 9.36
C TRP B 63 4.09 1.46 9.87
N HIS B 64 3.92 1.36 11.19
CA HIS B 64 2.80 0.54 11.74
C HIS B 64 1.42 1.00 11.21
N ASN B 65 1.26 2.31 11.01
CA ASN B 65 0.01 2.87 10.53
C ASN B 65 -0.31 2.56 9.04
N LEU B 66 0.68 2.01 8.32
CA LEU B 66 0.51 1.58 6.94
C LEU B 66 0.42 0.08 6.76
N TRP B 67 1.24 -0.68 7.48
CA TRP B 67 1.25 -2.13 7.37
C TRP B 67 1.13 -2.78 8.73
N PRO B 68 0.01 -2.50 9.44
CA PRO B 68 -0.17 -3.02 10.80
C PRO B 68 -0.35 -4.52 10.88
N ARG B 69 -0.76 -5.18 9.80
CA ARG B 69 -1.02 -6.62 9.84
C ARG B 69 0.24 -7.44 10.20
N PHE B 70 1.42 -6.93 9.87
CA PHE B 70 2.67 -7.62 10.19
C PHE B 70 3.16 -7.42 11.63
N TYR B 71 2.50 -6.55 12.40
CA TYR B 71 2.86 -6.33 13.78
C TYR B 71 2.17 -7.37 14.64
N ASN B 72 2.73 -8.57 14.63
CA ASN B 72 2.20 -9.69 15.40
C ASN B 72 3.31 -10.65 15.79
N LYS B 73 3.03 -11.54 16.72
CA LYS B 73 4.07 -12.40 17.29
C LYS B 73 4.66 -13.40 16.31
N ASN B 74 3.83 -13.89 15.39
CA ASN B 74 4.23 -14.94 14.48
C ASN B 74 5.16 -14.42 13.39
N ALA B 75 4.86 -13.22 12.88
CA ALA B 75 5.74 -12.57 11.92
C ALA B 75 7.14 -12.41 12.51
N VAL B 76 7.21 -12.00 13.77
CA VAL B 76 8.49 -11.78 14.43
C VAL B 76 9.24 -13.09 14.63
N GLN B 77 8.56 -14.13 15.13
CA GLN B 77 9.17 -15.46 15.26
C GLN B 77 9.64 -15.99 13.91
N TRP B 78 8.82 -15.81 12.86
CA TRP B 78 9.23 -16.20 11.51
C TRP B 78 10.48 -15.42 11.02
N LEU B 79 10.58 -14.12 11.29
CA LEU B 79 11.78 -13.36 10.95
C LEU B 79 13.01 -13.86 11.71
N ALA B 80 12.81 -14.23 12.96
CA ALA B 80 13.89 -14.80 13.78
C ALA B 80 14.33 -16.17 13.24
N ASP B 81 13.37 -17.07 13.03
CA ASP B 81 13.66 -18.45 12.70
C ASP B 81 14.09 -18.66 11.23
N ASP B 82 13.32 -18.15 10.29
CA ASP B 82 13.57 -18.39 8.87
C ASP B 82 14.54 -17.39 8.22
N TRP B 83 14.39 -16.09 8.52
CA TRP B 83 15.31 -15.05 7.98
C TRP B 83 16.61 -14.90 8.81
N LYS B 84 16.62 -15.49 10.01
CA LYS B 84 17.74 -15.39 10.95
C LYS B 84 18.02 -13.97 11.43
N CYS B 85 16.96 -13.17 11.57
CA CYS B 85 17.12 -11.83 12.14
C CYS B 85 17.58 -11.95 13.59
N THR B 86 18.64 -11.19 13.91
CA THR B 86 19.10 -11.01 15.29
C THR B 86 18.59 -9.72 15.88
N VAL B 87 18.01 -8.87 15.02
CA VAL B 87 17.30 -7.68 15.44
C VAL B 87 16.00 -7.50 14.61
N VAL B 88 14.98 -6.92 15.23
CA VAL B 88 13.74 -6.55 14.57
C VAL B 88 13.41 -5.09 14.95
N ARG B 89 13.02 -4.28 13.99
CA ARG B 89 12.72 -2.87 14.26
C ARG B 89 11.20 -2.65 14.13
N ALA B 90 10.62 -2.02 15.16
CA ALA B 90 9.22 -1.64 15.20
C ALA B 90 9.10 -0.14 14.87
N ALA B 91 8.57 0.16 13.69
CA ALA B 91 8.53 1.54 13.19
C ALA B 91 7.19 2.18 13.56
N MET B 92 7.15 2.83 14.73
CA MET B 92 5.95 3.46 15.21
C MET B 92 5.81 4.83 14.56
N GLY B 93 5.03 4.87 13.48
CA GLY B 93 4.71 6.07 12.74
C GLY B 93 4.20 7.22 13.57
N LEU B 94 4.86 8.36 13.38
CA LEU B 94 4.40 9.64 13.91
C LEU B 94 3.93 10.60 12.86
N GLU B 95 3.87 10.13 11.61
CA GLU B 95 3.38 10.93 10.47
C GLU B 95 2.40 10.05 9.71
N ILE B 96 1.65 10.67 8.80
CA ILE B 96 0.65 9.97 7.96
C ILE B 96 -0.56 9.63 8.86
N GLU B 97 -1.73 9.48 8.24
CA GLU B 97 -2.99 9.18 8.92
C GLU B 97 -2.86 8.01 9.91
N ASP B 98 -3.54 8.11 11.05
CA ASP B 98 -3.61 7.05 12.07
C ASP B 98 -2.29 6.80 12.87
N ASN B 99 -1.41 7.80 12.87
CA ASN B 99 -0.15 7.76 13.60
C ASN B 99 -0.35 7.82 15.14
N TYR B 100 0.76 7.75 15.86
CA TYR B 100 0.78 7.73 17.33
C TYR B 100 0.07 8.91 18.00
N ARG B 101 0.27 10.13 17.47
CA ARG B 101 -0.35 11.34 18.01
C ARG B 101 -1.89 11.29 17.87
N GLU B 102 -2.37 10.89 16.69
CA GLU B 102 -3.81 10.73 16.47
C GLU B 102 -4.41 9.50 17.15
N ASN B 103 -3.65 8.40 17.26
CA ASN B 103 -4.21 7.14 17.77
C ASN B 103 -3.13 6.34 18.48
N PRO B 104 -2.83 6.70 19.73
CA PRO B 104 -1.73 6.04 20.44
C PRO B 104 -2.09 4.63 20.91
N GLU B 105 -3.37 4.34 21.13
CA GLU B 105 -3.82 3.02 21.54
C GLU B 105 -3.50 1.99 20.46
N PHE B 106 -3.79 2.34 19.22
CA PHE B 106 -3.48 1.48 18.08
C PHE B 106 -1.97 1.30 17.89
N ALA B 107 -1.22 2.40 18.04
CA ALA B 107 0.23 2.33 18.01
C ALA B 107 0.73 1.34 19.07
N LEU B 108 0.20 1.44 20.29
CA LEU B 108 0.57 0.51 21.36
C LEU B 108 0.07 -0.93 21.13
N GLN B 109 -1.10 -1.09 20.52
CA GLN B 109 -1.57 -2.41 20.08
C GLN B 109 -0.65 -3.09 19.05
N CYS B 110 0.02 -2.31 18.20
CA CYS B 110 0.94 -2.88 17.20
C CYS B 110 2.32 -3.23 17.77
N ILE B 111 2.96 -2.30 18.46
CA ILE B 111 4.36 -2.50 18.91
C ILE B 111 4.52 -3.55 20.04
N THR B 112 3.48 -3.71 20.86
CA THR B 112 3.53 -4.54 22.05
C THR B 112 3.78 -6.04 21.75
N PRO B 113 2.99 -6.63 20.83
CA PRO B 113 3.33 -8.00 20.42
C PRO B 113 4.72 -8.16 19.76
N VAL B 114 5.19 -7.15 19.04
CA VAL B 114 6.52 -7.22 18.40
C VAL B 114 7.62 -7.21 19.46
N ILE B 115 7.48 -6.33 20.46
CA ILE B 115 8.43 -6.26 21.57
C ILE B 115 8.41 -7.56 22.37
N GLU B 116 7.21 -7.99 22.77
CA GLU B 116 7.03 -9.23 23.53
C GLU B 116 7.60 -10.42 22.76
N SER B 117 7.29 -10.52 21.47
CA SER B 117 7.77 -11.64 20.67
C SER B 117 9.30 -11.68 20.55
N ALA B 118 9.92 -10.50 20.46
CA ALA B 118 11.39 -10.41 20.43
C ALA B 118 12.00 -10.90 21.76
N ILE B 119 11.32 -10.60 22.87
CA ILE B 119 11.70 -11.15 24.18
C ILE B 119 11.54 -12.69 24.14
N GLU B 120 10.35 -13.13 23.75
CA GLU B 120 10.01 -14.55 23.68
C GLU B 120 10.98 -15.38 22.81
N ASN B 121 11.38 -14.84 21.67
CA ASN B 121 12.24 -15.55 20.71
C ASN B 121 13.72 -15.21 20.80
N GLY B 122 14.12 -14.46 21.83
CA GLY B 122 15.55 -14.26 22.12
C GLY B 122 16.31 -13.36 21.15
N ILE B 123 15.63 -12.35 20.60
CA ILE B 123 16.30 -11.39 19.72
C ILE B 123 16.14 -9.95 20.22
N TYR B 124 16.99 -9.07 19.69
CA TYR B 124 16.97 -7.65 20.02
C TYR B 124 15.86 -6.96 19.24
N VAL B 125 15.35 -5.86 19.81
CA VAL B 125 14.25 -5.15 19.20
C VAL B 125 14.47 -3.64 19.34
N ILE B 126 14.32 -2.93 18.22
CA ILE B 126 14.45 -1.50 18.22
C ILE B 126 13.04 -0.95 18.33
N ILE B 127 12.82 -0.09 19.31
CA ILE B 127 11.57 0.65 19.42
C ILE B 127 11.82 2.01 18.78
N ASP B 128 11.24 2.20 17.60
CA ASP B 128 11.53 3.36 16.73
C ASP B 128 10.36 4.36 16.68
N PHE B 129 10.65 5.55 17.16
CA PHE B 129 9.77 6.70 17.17
C PHE B 129 9.89 7.28 15.78
N HIS B 130 9.02 6.80 14.91
CA HIS B 130 9.22 6.92 13.47
C HIS B 130 8.67 8.27 12.96
N ALA B 131 9.44 9.31 13.26
CA ALA B 131 9.09 10.70 13.00
C ALA B 131 10.06 11.30 12.01
N HIS B 132 9.56 12.25 11.23
CA HIS B 132 10.38 13.22 10.49
C HIS B 132 10.42 14.56 11.20
N ASN B 133 9.25 15.04 11.61
CA ASN B 133 9.16 16.28 12.35
C ASN B 133 9.57 16.10 13.81
N LYS B 134 9.72 17.23 14.51
CA LYS B 134 10.16 17.24 15.91
C LYS B 134 8.96 17.21 16.86
N TYR B 135 8.87 16.14 17.67
CA TYR B 135 7.76 15.92 18.61
C TYR B 135 8.30 15.63 20.03
N THR B 136 8.92 16.66 20.61
CA THR B 136 9.72 16.53 21.84
C THR B 136 8.95 15.98 23.03
N GLU B 137 7.77 16.53 23.31
CA GLU B 137 7.02 16.13 24.49
C GLU B 137 6.39 14.74 24.33
N GLU B 138 5.98 14.40 23.11
CA GLU B 138 5.38 13.10 22.82
C GLU B 138 6.47 12.02 22.93
N ALA B 139 7.68 12.34 22.45
CA ALA B 139 8.82 11.43 22.57
C ALA B 139 9.16 11.13 24.03
N LYS B 140 9.22 12.18 24.85
CA LYS B 140 9.52 12.02 26.27
C LYS B 140 8.46 11.14 26.96
N THR B 141 7.19 11.39 26.69
CA THR B 141 6.10 10.66 27.34
C THR B 141 6.07 9.21 26.87
N PHE B 142 6.30 9.01 25.58
CA PHE B 142 6.38 7.68 25.00
C PHE B 142 7.55 6.87 25.53
N PHE B 143 8.74 7.45 25.47
CA PHE B 143 9.92 6.71 25.86
C PHE B 143 10.02 6.47 27.37
N ALA B 144 9.48 7.39 28.18
CA ALA B 144 9.32 7.16 29.61
C ALA B 144 8.48 5.89 29.88
N GLY B 145 7.35 5.77 29.17
CA GLY B 145 6.47 4.60 29.31
C GLY B 145 7.13 3.32 28.81
N MET B 146 7.83 3.41 27.68
CA MET B 146 8.60 2.27 27.16
C MET B 146 9.76 1.90 28.07
N ALA B 147 10.46 2.91 28.58
CA ALA B 147 11.55 2.68 29.53
C ALA B 147 11.09 1.98 30.80
N GLU B 148 9.93 2.40 31.31
CA GLU B 148 9.36 1.82 32.53
C GLU B 148 8.96 0.37 32.31
N LYS B 149 8.23 0.12 31.23
CA LYS B 149 7.77 -1.22 30.93
C LYS B 149 8.90 -2.20 30.60
N TYR B 150 9.85 -1.76 29.78
CA TYR B 150 10.75 -2.70 29.10
C TYR B 150 12.24 -2.49 29.32
N GLY B 151 12.61 -1.53 30.16
CA GLY B 151 14.02 -1.14 30.29
C GLY B 151 14.97 -2.14 30.94
N GLU B 152 14.44 -3.14 31.64
CA GLU B 152 15.29 -4.17 32.27
C GLU B 152 15.61 -5.31 31.34
N TYR B 153 14.83 -5.44 30.26
CA TYR B 153 15.11 -6.44 29.24
C TYR B 153 16.31 -6.04 28.39
N PRO B 154 17.31 -6.93 28.23
CA PRO B 154 18.47 -6.59 27.38
C PRO B 154 18.15 -6.50 25.89
N ASN B 155 17.02 -7.09 25.47
CA ASN B 155 16.57 -7.06 24.07
C ASN B 155 16.35 -5.67 23.52
N VAL B 156 16.00 -4.72 24.38
CA VAL B 156 15.35 -3.49 23.93
C VAL B 156 16.36 -2.42 23.62
N ILE B 157 16.26 -1.88 22.40
CA ILE B 157 17.01 -0.71 21.94
C ILE B 157 16.00 0.39 21.58
N TYR B 158 16.30 1.64 21.97
CA TYR B 158 15.44 2.79 21.68
C TYR B 158 16.00 3.56 20.51
N GLU B 159 15.13 3.99 19.61
CA GLU B 159 15.56 4.86 18.51
C GLU B 159 14.67 6.09 18.53
N ILE B 160 15.24 7.20 18.97
CA ILE B 160 14.45 8.31 19.47
C ILE B 160 13.87 9.26 18.43
N TRP B 161 14.38 9.22 17.21
CA TRP B 161 13.88 10.08 16.15
C TRP B 161 14.35 9.51 14.83
N ASN B 162 13.46 8.78 14.17
CA ASN B 162 13.79 8.04 12.94
C ASN B 162 14.66 8.82 11.96
N GLU B 163 14.08 9.86 11.37
CA GLU B 163 14.75 10.57 10.30
C GLU B 163 14.38 12.03 10.41
N PRO B 164 15.13 12.79 11.22
CA PRO B 164 15.00 14.23 11.15
C PRO B 164 15.38 14.67 9.73
N ASP B 165 14.54 15.52 9.13
CA ASP B 165 14.83 16.05 7.78
C ASP B 165 15.47 17.45 7.83
N TYR B 166 14.67 18.51 7.83
CA TYR B 166 15.15 19.87 7.61
C TYR B 166 15.30 20.59 8.97
N PHE B 167 16.43 20.33 9.59
CA PHE B 167 16.78 20.86 10.91
C PHE B 167 18.27 21.09 10.94
N GLU B 168 18.69 21.98 11.83
CA GLU B 168 20.11 22.12 12.21
C GLU B 168 20.40 21.02 13.23
N TRP B 169 21.62 20.48 13.20
CA TRP B 169 22.01 19.44 14.16
C TRP B 169 21.80 19.87 15.62
N GLU B 170 22.09 21.14 15.92
CA GLU B 170 21.90 21.72 17.26
C GLU B 170 20.48 21.49 17.82
N GLU B 171 19.46 21.68 16.99
CA GLU B 171 18.06 21.46 17.40
C GLU B 171 17.75 19.98 17.68
N VAL B 172 18.38 19.09 16.91
CA VAL B 172 18.20 17.65 17.06
C VAL B 172 19.00 17.15 18.28
N LYS B 173 20.18 17.75 18.52
CA LYS B 173 20.99 17.42 19.70
C LYS B 173 20.29 17.79 21.01
N THR B 174 19.59 18.92 21.02
CA THR B 174 18.84 19.37 22.20
C THR B 174 17.71 18.41 22.49
N TYR B 175 16.89 18.12 21.47
CA TYR B 175 15.85 17.10 21.55
C TYR B 175 16.40 15.80 22.12
N SER B 176 17.56 15.41 21.61
CA SER B 176 18.17 14.14 21.96
C SER B 176 18.67 14.11 23.39
N GLU B 177 19.39 15.16 23.80
CA GLU B 177 19.83 15.33 25.20
C GLU B 177 18.62 15.23 26.14
N GLU B 178 17.54 15.93 25.82
CA GLU B 178 16.34 15.94 26.66
C GLU B 178 15.60 14.60 26.74
N VAL B 179 15.45 13.89 25.61
CA VAL B 179 14.83 12.58 25.58
C VAL B 179 15.73 11.53 26.23
N ILE B 180 17.03 11.57 25.93
CA ILE B 180 18.02 10.68 26.60
C ILE B 180 17.97 10.86 28.11
N ALA B 181 17.92 12.12 28.56
CA ALA B 181 17.81 12.42 29.99
C ALA B 181 16.62 11.69 30.61
N VAL B 182 15.46 11.74 29.94
CA VAL B 182 14.26 11.06 30.45
C VAL B 182 14.43 9.54 30.48
N ILE B 183 15.00 8.98 29.40
CA ILE B 183 15.16 7.54 29.29
C ILE B 183 16.11 7.03 30.36
N ARG B 184 17.29 7.65 30.41
CA ARG B 184 18.33 7.24 31.37
C ARG B 184 17.88 7.26 32.83
N ALA B 185 16.95 8.15 33.20
CA ALA B 185 16.48 8.22 34.58
C ALA B 185 15.77 6.91 35.02
N ILE B 186 15.17 6.21 34.05
CA ILE B 186 14.45 4.96 34.28
C ILE B 186 15.29 3.75 33.84
N ASP B 187 15.90 3.87 32.65
CA ASP B 187 16.70 2.81 32.05
C ASP B 187 18.13 3.32 31.86
N PRO B 188 19.00 3.06 32.85
CA PRO B 188 20.34 3.65 32.79
C PRO B 188 21.27 3.01 31.75
N ASP B 189 21.02 1.77 31.33
CA ASP B 189 22.02 1.00 30.56
C ASP B 189 21.71 0.67 29.08
N ASN B 190 20.43 0.56 28.69
CA ASN B 190 20.06 0.07 27.34
C ASN B 190 20.45 1.06 26.25
N ILE B 191 20.67 0.52 25.05
CA ILE B 191 21.19 1.33 23.92
C ILE B 191 20.11 2.32 23.47
N ILE B 192 20.54 3.55 23.19
CA ILE B 192 19.71 4.58 22.58
C ILE B 192 20.36 4.97 21.26
N LEU B 193 19.59 4.88 20.17
CA LEU B 193 20.08 5.26 18.86
C LEU B 193 19.61 6.67 18.53
N VAL B 194 20.52 7.51 18.04
CA VAL B 194 20.25 8.95 17.86
C VAL B 194 20.31 9.35 16.40
N GLY B 195 19.20 9.89 15.89
CA GLY B 195 19.11 10.32 14.52
C GLY B 195 19.75 11.66 14.33
N SER B 196 19.95 12.02 13.06
CA SER B 196 20.58 13.29 12.69
C SER B 196 19.92 13.83 11.43
N PRO B 197 20.12 15.13 11.13
CA PRO B 197 19.38 15.72 10.01
C PRO B 197 19.74 15.16 8.64
N HIS B 198 18.85 15.44 7.69
CA HIS B 198 18.90 14.89 6.34
C HIS B 198 18.87 13.37 6.35
N TRP B 199 17.86 12.83 7.04
CA TRP B 199 17.57 11.40 7.06
C TRP B 199 18.75 10.57 7.57
N ASP B 200 19.31 11.04 8.68
CA ASP B 200 20.51 10.44 9.28
C ASP B 200 21.69 10.34 8.32
N GLN B 201 21.95 11.43 7.60
CA GLN B 201 23.14 11.55 6.74
C GLN B 201 24.18 12.53 7.27
N ASP B 202 23.81 13.41 8.21
CA ASP B 202 24.72 14.47 8.68
C ASP B 202 25.56 14.05 9.89
N LEU B 203 26.25 12.92 9.75
CA LEU B 203 27.15 12.44 10.79
C LEU B 203 28.36 13.35 10.98
N HIS B 204 28.83 13.96 9.89
CA HIS B 204 29.85 15.01 9.92
C HIS B 204 29.50 16.21 10.84
N LEU B 205 28.21 16.56 10.97
CA LEU B 205 27.78 17.58 11.95
C LEU B 205 27.83 17.03 13.37
N VAL B 206 27.43 15.77 13.52
CA VAL B 206 27.52 15.04 14.80
C VAL B 206 28.98 14.95 15.26
N ALA B 207 29.87 14.63 14.31
CA ALA B 207 31.31 14.53 14.60
C ALA B 207 31.88 15.80 15.25
N GLU B 208 31.48 16.95 14.72
CA GLU B 208 31.93 18.25 15.22
C GLU B 208 31.33 18.66 16.58
N ASP B 209 30.13 18.19 16.89
CA ASP B 209 29.38 18.58 18.09
C ASP B 209 28.59 17.39 18.70
N PRO B 210 29.31 16.37 19.21
CA PRO B 210 28.61 15.20 19.77
C PRO B 210 27.99 15.43 21.14
N ILE B 211 27.07 14.53 21.52
CA ILE B 211 26.46 14.55 22.86
C ILE B 211 27.49 14.02 23.86
N ARG B 212 27.67 14.75 24.95
CA ARG B 212 28.72 14.44 25.93
C ARG B 212 28.11 13.94 27.22
N ASP B 213 28.93 13.32 28.04
CA ASP B 213 28.54 12.77 29.34
C ASP B 213 27.35 11.81 29.23
N VAL B 214 27.40 10.95 28.22
CA VAL B 214 26.37 9.96 28.00
C VAL B 214 27.03 8.63 27.65
N SER B 215 26.50 7.53 28.17
CA SER B 215 26.99 6.20 27.80
C SER B 215 25.93 5.38 27.03
N ASN B 216 26.41 4.37 26.30
CA ASN B 216 25.58 3.45 25.55
C ASN B 216 24.59 4.13 24.60
N ILE B 217 25.08 5.11 23.86
CA ILE B 217 24.36 5.64 22.72
C ILE B 217 25.14 5.43 21.43
N MET B 218 24.42 5.32 20.32
CA MET B 218 25.01 5.32 18.97
C MET B 218 24.21 6.25 18.08
N TYR B 219 24.83 6.65 16.99
CA TYR B 219 24.21 7.54 16.02
C TYR B 219 23.78 6.74 14.79
N THR B 220 22.60 7.05 14.25
CA THR B 220 22.09 6.28 13.14
C THR B 220 22.57 6.82 11.82
N MET B 221 22.62 5.93 10.83
CA MET B 221 22.86 6.30 9.45
C MET B 221 21.91 5.47 8.60
N HIS B 222 21.23 6.11 7.65
CA HIS B 222 20.32 5.44 6.72
C HIS B 222 20.82 5.59 5.29
N PHE B 223 20.87 4.48 4.55
CA PHE B 223 21.25 4.51 3.14
C PHE B 223 20.29 3.67 2.31
N TYR B 224 20.20 4.04 1.04
CA TYR B 224 19.39 3.34 0.05
C TYR B 224 20.32 3.23 -1.14
N ALA B 225 20.73 2.01 -1.43
CA ALA B 225 21.90 1.73 -2.26
C ALA B 225 21.82 2.22 -3.71
N ALA B 226 20.61 2.36 -4.24
CA ALA B 226 20.42 2.83 -5.63
C ALA B 226 20.47 4.35 -5.76
N THR B 227 20.46 5.07 -4.64
CA THR B 227 20.50 6.54 -4.62
C THR B 227 21.82 7.07 -4.06
N HIS B 228 22.18 6.59 -2.87
CA HIS B 228 23.26 7.18 -2.09
C HIS B 228 24.56 6.52 -2.46
N GLU B 229 25.44 7.30 -3.10
CA GLU B 229 26.73 6.81 -3.62
C GLU B 229 27.82 6.74 -2.52
N ALA B 230 29.07 6.52 -2.94
CA ALA B 230 30.21 6.32 -2.03
C ALA B 230 30.46 7.41 -0.97
N TRP B 231 30.11 8.65 -1.25
CA TRP B 231 30.32 9.75 -0.30
C TRP B 231 29.80 9.43 1.12
N LEU B 232 28.61 8.82 1.19
CA LEU B 232 27.95 8.55 2.47
C LEU B 232 28.71 7.53 3.33
N ARG B 233 29.29 6.53 2.69
CA ARG B 233 30.21 5.60 3.36
C ARG B 233 31.47 6.30 3.88
N ASP B 234 32.02 7.22 3.07
CA ASP B 234 33.24 7.97 3.40
C ASP B 234 32.98 8.92 4.55
N ARG B 235 31.85 9.65 4.46
CA ARG B 235 31.38 10.49 5.57
C ARG B 235 31.22 9.67 6.85
N THR B 236 30.59 8.51 6.74
CA THR B 236 30.37 7.65 7.91
C THR B 236 31.70 7.17 8.51
N ASP B 237 32.62 6.71 7.67
CA ASP B 237 33.97 6.31 8.11
C ASP B 237 34.72 7.46 8.84
N GLU B 238 34.68 8.65 8.24
CA GLU B 238 35.23 9.88 8.84
C GLU B 238 34.66 10.20 10.25
N ALA B 239 33.36 9.97 10.43
CA ALA B 239 32.72 10.15 11.75
C ALA B 239 33.18 9.09 12.75
N ILE B 240 33.22 7.83 12.32
CA ILE B 240 33.73 6.72 13.15
C ILE B 240 35.14 6.99 13.65
N ALA B 241 36.00 7.50 12.75
CA ALA B 241 37.38 7.90 13.09
C ALA B 241 37.44 8.99 14.16
N LYS B 242 36.52 9.96 14.09
CA LYS B 242 36.38 10.98 15.15
C LYS B 242 35.60 10.50 16.39
N GLY B 243 35.44 9.18 16.57
CA GLY B 243 34.83 8.61 17.77
C GLY B 243 33.29 8.59 17.82
N ILE B 244 32.63 8.60 16.67
CA ILE B 244 31.18 8.53 16.59
C ILE B 244 30.72 7.08 16.34
N PRO B 245 30.02 6.46 17.32
CA PRO B 245 29.49 5.12 17.06
C PRO B 245 28.32 5.20 16.08
N VAL B 246 28.28 4.26 15.14
CA VAL B 246 27.32 4.25 14.03
C VAL B 246 26.55 2.93 13.94
N PHE B 247 25.22 3.04 13.97
CA PHE B 247 24.33 1.89 13.83
C PHE B 247 23.38 2.21 12.67
N VAL B 248 23.35 1.38 11.63
CA VAL B 248 22.44 1.54 10.51
C VAL B 248 21.07 0.96 10.89
N SER B 249 20.18 1.83 11.36
CA SER B 249 18.87 1.39 11.85
C SER B 249 17.86 1.24 10.71
N GLU B 250 18.20 1.74 9.52
CA GLU B 250 17.36 1.55 8.36
C GLU B 250 18.19 1.62 7.10
N CYS B 251 18.01 0.63 6.22
CA CYS B 251 18.64 0.69 4.92
C CYS B 251 17.95 -0.19 3.92
N GLY B 252 18.26 0.04 2.66
CA GLY B 252 17.75 -0.78 1.59
C GLY B 252 18.55 -0.76 0.29
N GLY B 253 18.14 -1.63 -0.61
CA GLY B 253 18.72 -1.73 -1.95
C GLY B 253 18.00 -0.88 -2.97
N SER B 254 16.78 -0.44 -2.65
CA SER B 254 15.96 0.38 -3.53
C SER B 254 16.53 1.80 -3.63
N GLU B 255 15.81 2.70 -4.30
CA GLU B 255 16.13 4.14 -4.27
C GLU B 255 15.57 4.75 -2.99
N ALA B 256 15.97 6.00 -2.71
CA ALA B 256 15.69 6.65 -1.41
C ALA B 256 14.19 6.81 -1.08
N ASN B 257 13.36 7.00 -2.09
CA ASN B 257 11.91 7.05 -1.88
C ASN B 257 11.24 5.69 -1.55
N GLY B 258 11.99 4.59 -1.58
CA GLY B 258 11.46 3.25 -1.32
C GLY B 258 11.05 2.51 -2.60
N ASP B 259 11.25 3.14 -3.76
CA ASP B 259 10.83 2.59 -5.04
C ASP B 259 11.98 2.71 -6.06
N GLY B 260 11.69 2.65 -7.36
CA GLY B 260 12.71 2.68 -8.40
C GLY B 260 13.55 1.42 -8.45
N ARG B 261 14.79 1.58 -8.92
CA ARG B 261 15.71 0.47 -9.17
C ARG B 261 16.11 -0.29 -7.91
N LEU B 262 16.30 -1.60 -8.04
CA LEU B 262 16.96 -2.38 -7.02
C LEU B 262 18.43 -2.46 -7.41
N GLY B 263 19.29 -1.75 -6.67
CA GLY B 263 20.74 -1.71 -6.94
C GLY B 263 21.47 -2.85 -6.26
N ILE B 264 21.46 -4.02 -6.90
CA ILE B 264 21.97 -5.25 -6.28
C ILE B 264 23.47 -5.22 -6.00
N GLU B 265 24.25 -4.70 -6.95
CA GLU B 265 25.70 -4.59 -6.75
C GLU B 265 26.00 -3.58 -5.65
N GLU B 266 25.29 -2.46 -5.68
CA GLU B 266 25.46 -1.40 -4.70
C GLU B 266 25.10 -1.90 -3.29
N TRP B 267 24.03 -2.69 -3.19
CA TRP B 267 23.68 -3.37 -1.94
C TRP B 267 24.84 -4.24 -1.42
N LYS B 268 25.40 -5.09 -2.28
CA LYS B 268 26.57 -5.92 -1.89
C LYS B 268 27.77 -5.08 -1.40
N THR B 269 28.01 -3.94 -2.05
CA THR B 269 29.09 -3.05 -1.68
C THR B 269 28.89 -2.53 -0.25
N TYR B 270 27.70 -2.00 0.00
CA TYR B 270 27.34 -1.48 1.32
C TYR B 270 27.42 -2.56 2.39
N VAL B 271 26.83 -3.73 2.14
CA VAL B 271 26.85 -4.79 3.15
C VAL B 271 28.28 -5.23 3.46
N ASP B 272 29.10 -5.40 2.42
CA ASP B 272 30.52 -5.77 2.61
C ASP B 272 31.29 -4.70 3.40
N TRP B 273 31.04 -3.43 3.07
CA TRP B 273 31.62 -2.31 3.80
C TRP B 273 31.20 -2.33 5.29
N MET B 274 29.92 -2.51 5.57
CA MET B 274 29.44 -2.60 6.95
C MET B 274 30.02 -3.80 7.71
N GLU B 275 30.13 -4.94 7.04
CA GLU B 275 30.63 -6.14 7.70
C GLU B 275 32.12 -5.98 8.09
N SER B 276 32.91 -5.33 7.24
CA SER B 276 34.32 -5.06 7.55
C SER B 276 34.47 -4.03 8.67
N ARG B 277 33.53 -3.07 8.76
CA ARG B 277 33.47 -2.11 9.87
C ARG B 277 32.74 -2.62 11.12
N LYS B 278 32.21 -3.84 11.11
CA LYS B 278 31.37 -4.36 12.21
C LYS B 278 30.21 -3.41 12.61
N ILE B 279 29.59 -2.82 11.59
CA ILE B 279 28.44 -1.94 11.74
C ILE B 279 27.19 -2.81 11.66
N SER B 280 26.31 -2.65 12.65
CA SER B 280 25.03 -3.38 12.63
C SER B 280 24.07 -2.76 11.60
N TRP B 281 23.19 -3.57 11.01
CA TRP B 281 22.24 -3.09 10.00
C TRP B 281 20.87 -3.74 10.00
N VAL B 282 19.88 -2.95 9.58
CA VAL B 282 18.47 -3.36 9.56
C VAL B 282 17.85 -2.96 8.20
N ALA B 283 17.38 -3.96 7.46
CA ALA B 283 16.83 -3.74 6.11
C ALA B 283 15.34 -3.36 6.13
N TRP B 284 14.95 -2.41 5.26
CA TRP B 284 13.57 -1.86 5.16
C TRP B 284 12.91 -2.19 3.82
N SER B 285 11.64 -2.63 3.75
CA SER B 285 10.71 -2.88 4.86
C SER B 285 9.90 -4.14 4.64
N VAL B 286 9.51 -4.74 5.76
CA VAL B 286 8.66 -5.91 5.76
C VAL B 286 7.26 -5.36 5.61
N SER B 287 6.85 -5.22 4.36
CA SER B 287 5.60 -4.59 3.97
C SER B 287 5.26 -5.07 2.55
N ASP B 288 4.04 -4.74 2.10
CA ASP B 288 3.50 -5.28 0.83
C ASP B 288 2.90 -4.24 -0.12
N LYS B 289 3.38 -3.01 -0.05
CA LYS B 289 2.98 -1.98 -1.01
C LYS B 289 3.61 -2.34 -2.36
N ASN B 290 3.03 -1.85 -3.46
CA ASN B 290 3.64 -2.01 -4.78
C ASN B 290 4.82 -1.03 -4.99
N GLU B 291 5.89 -1.28 -4.22
CA GLU B 291 7.13 -0.49 -4.24
C GLU B 291 8.30 -1.47 -4.09
N THR B 292 9.45 -1.08 -4.66
CA THR B 292 10.65 -1.91 -4.63
C THR B 292 11.10 -2.30 -3.22
N CYS B 293 11.03 -1.35 -2.28
CA CYS B 293 11.47 -1.60 -0.89
C CYS B 293 10.53 -2.50 -0.04
N SER B 294 9.33 -2.81 -0.54
CA SER B 294 8.36 -3.62 0.20
C SER B 294 8.71 -5.07 -0.10
N MET B 295 9.12 -5.82 0.92
CA MET B 295 9.72 -7.15 0.71
C MET B 295 8.75 -8.27 0.34
N LEU B 296 7.45 -8.08 0.58
CA LEU B 296 6.46 -9.17 0.42
C LEU B 296 5.36 -8.84 -0.57
N LEU B 297 4.78 -9.87 -1.18
CA LEU B 297 3.53 -9.70 -1.96
C LEU B 297 2.33 -9.57 -1.02
N PRO B 298 1.28 -8.80 -1.42
CA PRO B 298 0.05 -8.70 -0.63
C PRO B 298 -0.62 -10.03 -0.26
N ARG B 299 -0.46 -11.04 -1.10
CA ARG B 299 -0.97 -12.38 -0.84
C ARG B 299 -0.39 -13.05 0.40
N ALA B 300 0.81 -12.61 0.82
CA ALA B 300 1.51 -13.20 1.94
C ALA B 300 0.66 -13.15 3.21
N SER B 301 0.74 -14.20 4.02
CA SER B 301 0.08 -14.22 5.32
C SER B 301 0.73 -13.18 6.24
N ALA B 302 -0.08 -12.55 7.08
CA ALA B 302 0.42 -11.76 8.20
C ALA B 302 1.29 -12.58 9.16
N ASP B 303 0.98 -13.88 9.32
CA ASP B 303 1.64 -14.73 10.31
C ASP B 303 3.01 -15.29 9.89
N GLY B 304 3.43 -15.08 8.65
CA GLY B 304 4.69 -15.62 8.15
C GLY B 304 4.51 -16.80 7.21
N ASN B 305 5.44 -17.75 7.29
CA ASN B 305 5.55 -18.88 6.34
C ASN B 305 5.66 -18.45 4.89
N TRP B 306 6.42 -17.40 4.65
CA TRP B 306 6.53 -16.83 3.30
C TRP B 306 7.41 -17.75 2.44
N THR B 307 6.77 -18.48 1.53
CA THR B 307 7.48 -19.28 0.53
C THR B 307 8.17 -18.34 -0.46
N GLU B 308 9.13 -18.86 -1.22
CA GLU B 308 9.92 -18.05 -2.16
C GLU B 308 9.07 -17.21 -3.14
N ASP B 309 7.92 -17.70 -3.57
CA ASP B 309 7.00 -16.95 -4.49
C ASP B 309 6.34 -15.71 -3.87
N LEU B 310 6.24 -15.67 -2.55
CA LEU B 310 5.66 -14.55 -1.82
C LEU B 310 6.68 -13.46 -1.48
N LEU B 311 7.95 -13.77 -1.63
CA LEU B 311 9.02 -12.80 -1.43
C LEU B 311 9.21 -12.00 -2.71
N LYS B 312 9.24 -10.68 -2.57
CA LYS B 312 9.65 -9.80 -3.67
C LYS B 312 11.15 -9.95 -3.88
N PRO B 313 11.67 -9.49 -5.03
CA PRO B 313 13.10 -9.53 -5.29
C PRO B 313 13.95 -8.97 -4.13
N TRP B 314 13.56 -7.80 -3.62
CA TRP B 314 14.23 -7.20 -2.46
C TRP B 314 14.05 -8.05 -1.18
N GLY B 315 12.91 -8.74 -1.07
CA GLY B 315 12.67 -9.70 0.00
C GLY B 315 13.65 -10.85 -0.02
N LYS B 316 13.81 -11.47 -1.19
CA LYS B 316 14.78 -12.56 -1.38
C LYS B 316 16.22 -12.11 -1.09
N LEU B 317 16.60 -10.96 -1.63
CA LEU B 317 17.93 -10.40 -1.41
C LEU B 317 18.20 -10.08 0.07
N THR B 318 17.19 -9.54 0.76
CA THR B 318 17.29 -9.25 2.19
C THR B 318 17.40 -10.54 3.02
N ARG B 319 16.53 -11.50 2.73
CA ARG B 319 16.53 -12.77 3.45
C ARG B 319 17.88 -13.46 3.31
N ASN B 320 18.39 -13.54 2.07
CA ASN B 320 19.69 -14.15 1.82
C ASN B 320 20.83 -13.40 2.48
N SER B 321 20.82 -12.07 2.36
CA SER B 321 21.82 -11.22 2.99
C SER B 321 21.91 -11.47 4.50
N ILE B 322 20.77 -11.54 5.15
CA ILE B 322 20.74 -11.70 6.60
C ILE B 322 21.15 -13.11 6.98
N ARG B 323 20.68 -14.11 6.23
CA ARG B 323 20.97 -15.52 6.51
C ARG B 323 22.45 -15.88 6.36
N ASN B 324 23.11 -15.34 5.35
CA ASN B 324 24.52 -15.62 5.10
C ASN B 324 25.43 -14.94 6.14
N ALA B 325 25.11 -13.70 6.45
CA ALA B 325 25.83 -12.95 7.49
C ALA B 325 25.71 -13.59 8.88
N ASN B 326 24.51 -14.03 9.24
CA ASN B 326 24.30 -14.72 10.52
C ASN B 326 24.61 -16.22 10.36
C1 GOL C . -3.70 3.06 -8.00
O1 GOL C . -4.24 1.79 -8.41
C2 GOL C . -2.23 2.93 -7.63
O2 GOL C . -2.15 2.74 -6.20
C3 GOL C . -1.53 1.78 -8.37
O3 GOL C . -0.10 1.82 -8.20
C1 GOL D . -5.69 4.59 -10.86
O1 GOL D . -4.47 5.34 -10.94
C2 GOL D . -5.93 3.84 -12.16
O2 GOL D . -6.74 4.66 -13.03
C3 GOL D . -6.62 2.50 -11.85
O3 GOL D . -7.31 1.97 -13.00
C1 GOL E . -35.58 -8.72 -2.62
O1 GOL E . -34.21 -8.32 -2.58
C2 GOL E . -36.46 -7.88 -1.68
O2 GOL E . -35.65 -7.29 -0.64
C3 GOL E . -37.20 -6.75 -2.38
O3 GOL E . -37.90 -7.25 -3.54
C1 GOL F . -2.96 -4.35 1.96
O1 GOL F . -4.32 -4.17 2.41
C2 GOL F . -2.12 -3.23 2.57
O2 GOL F . -0.95 -3.02 1.75
C3 GOL F . -1.77 -3.53 4.03
O3 GOL F . -1.06 -4.79 4.20
C1 GOL G . -6.77 -4.86 11.37
O1 GOL G . -6.75 -3.84 12.37
C2 GOL G . -5.34 -5.08 10.82
O2 GOL G . -4.46 -4.07 11.32
C3 GOL G . -5.28 -5.07 9.29
O3 GOL G . -5.04 -6.38 8.75
MG MG H . -27.23 -13.16 -20.09
P PO4 I . -8.92 10.06 9.84
O1 PO4 I . -9.57 11.23 10.55
O2 PO4 I . -8.81 8.91 10.82
O3 PO4 I . -7.55 10.46 9.35
O4 PO4 I . -9.75 9.60 8.65
P PO4 J . -25.79 7.88 -21.00
O1 PO4 J . -25.19 7.78 -19.63
O2 PO4 J . -25.48 9.23 -21.60
O3 PO4 J . -27.28 7.69 -20.89
O4 PO4 J . -25.16 6.82 -21.86
C1 GOL K . 11.41 5.34 6.27
O1 GOL K . 12.27 5.89 7.29
C2 GOL K . 11.67 5.94 4.89
O2 GOL K . 13.01 6.43 4.83
C3 GOL K . 11.42 4.88 3.81
O3 GOL K . 11.49 5.48 2.51
C1 GOL L . 8.15 4.29 2.24
O1 GOL L . 7.79 3.89 3.57
C2 GOL L . 6.91 4.73 1.47
O2 GOL L . 6.04 3.62 1.23
C3 GOL L . 6.15 5.81 2.24
O3 GOL L . 5.03 6.22 1.45
C1 GOL M . 32.64 1.06 13.61
O1 GOL M . 33.56 1.31 14.66
C2 GOL M . 31.42 0.27 14.11
O2 GOL M . 31.72 -0.51 15.28
C3 GOL M . 30.26 1.19 14.45
O3 GOL M . 30.71 2.24 15.32
C1 GOL N . 3.63 13.70 5.45
O1 GOL N . 3.03 13.01 4.34
C2 GOL N . 5.08 13.26 5.61
O2 GOL N . 5.12 11.85 5.44
C3 GOL N . 5.64 13.66 6.99
O3 GOL N . 6.77 14.55 6.87
MG MG O . 18.15 -1.57 31.18
#